data_5FYS
#
_entry.id   5FYS
#
_cell.length_a   142.080
_cell.length_b   142.080
_cell.length_c   152.470
_cell.angle_alpha   90.00
_cell.angle_beta   90.00
_cell.angle_gamma   120.00
#
_symmetry.space_group_name_H-M   'P 65 2 2'
#
loop_
_entity.id
_entity.type
_entity.pdbx_description
1 polymer 'LYSINE-SPECIFIC DEMETHYLASE 5B'
2 non-polymer 'ZINC ION'
3 non-polymer 'MANGANESE (II) ION'
4 non-polymer '4-(2-HYDROXYETHYL)-1-PIPERAZINE ETHANESULFONIC ACID'
5 non-polymer 1,2-ETHANEDIOL
6 non-polymer '(2R)-2-hydroxypentanedioic acid'
7 non-polymer 'CHLORIDE ION'
8 water water
#
_entity_poly.entity_id   1
_entity_poly.type   'polypeptide(L)'
_entity_poly.pdbx_seq_one_letter_code
;SMFLPPPECPVFEPSWEEFADPFAFIHKIRPIAEQTGICKVRPPPDWQPPFACDVDKLHFTPRIQRLNELEAQTRVKLGG
GGARDYTLRTFGEMADAFKSDYFNMPVHMVPTELVEKEFWRLVSTIEEDVTVEYGADIASKEFGSGFPVRDGKIKLSPEE
EEYLDSGWNLNNMPVMEQSVLAHITADICGMKLPWLYVGMCFSSFCWHIEDHWSYSINYLHWGEPKTWYGVPGYAAEQLE
NVMKKLAPELFVSQPDLLHQLVTIMNPNTLMTHEVPVYRTNQCAGEFVITFPRAYHSGFNQGFNFAEAVNFCTVDWLPLG
RQCVEHYRLLHRYCVFSHDEMICKMASKADVLDVVVASTVQKDMAIMIEDEKALRETVRKLGVIDSERMDFELLPDDERQ
CVKCKTTCFMSAISCSCKPGLLVCLHHVKELCSCPPYKYKLRYRYTLDDLYPMMNALKLRAESYNEWALNVNEALEAKI
;
_entity_poly.pdbx_strand_id   A
#
loop_
_chem_comp.id
_chem_comp.type
_chem_comp.name
_chem_comp.formula
2HG non-polymer '(2R)-2-hydroxypentanedioic acid' 'C5 H8 O5'
CL non-polymer 'CHLORIDE ION' 'Cl -1'
EDO non-polymer 1,2-ETHANEDIOL 'C2 H6 O2'
EPE non-polymer '4-(2-HYDROXYETHYL)-1-PIPERAZINE ETHANESULFONIC ACID' 'C8 H18 N2 O4 S'
MN non-polymer 'MANGANESE (II) ION' 'Mn 2'
ZN non-polymer 'ZINC ION' 'Zn 2'
#
# COMPACT_ATOMS: atom_id res chain seq x y z
N SER A 1 -9.51 10.50 31.89
CA SER A 1 -9.71 9.42 30.93
C SER A 1 -10.52 9.86 29.71
N MET A 2 -10.13 10.97 29.10
CA MET A 2 -10.69 11.33 27.81
C MET A 2 -10.16 10.34 26.78
N PHE A 3 -8.84 10.26 26.68
CA PHE A 3 -8.17 9.36 25.73
C PHE A 3 -7.18 8.45 26.46
N LEU A 4 -7.38 7.14 26.34
CA LEU A 4 -6.42 6.21 26.90
C LEU A 4 -5.53 5.70 25.78
N PRO A 5 -4.27 6.15 25.76
CA PRO A 5 -3.37 5.76 24.66
C PRO A 5 -3.23 4.24 24.55
N PRO A 6 -3.31 3.71 23.32
CA PRO A 6 -3.06 2.30 23.08
C PRO A 6 -1.66 1.90 23.57
N PRO A 7 -1.44 0.61 23.82
CA PRO A 7 -0.09 0.15 24.17
C PRO A 7 0.89 0.41 23.03
N GLU A 8 2.18 0.50 23.34
CA GLU A 8 3.19 0.81 22.34
C GLU A 8 3.45 -0.37 21.40
N CYS A 9 3.64 -0.09 20.10
CA CYS A 9 4.03 -1.14 19.17
C CYS A 9 5.51 -1.51 19.40
N PRO A 10 5.97 -2.64 18.83
CA PRO A 10 7.38 -3.05 18.98
C PRO A 10 8.35 -2.06 18.37
N VAL A 11 9.50 -1.88 19.02
CA VAL A 11 10.57 -1.04 18.51
C VAL A 11 11.85 -1.86 18.35
N PHE A 12 12.44 -1.82 17.16
CA PHE A 12 13.63 -2.60 16.90
C PHE A 12 14.81 -1.66 16.70
N GLU A 13 15.96 -2.09 17.21
CA GLU A 13 17.20 -1.36 17.02
C GLU A 13 18.25 -2.29 16.46
N PRO A 14 18.17 -2.58 15.16
CA PRO A 14 19.07 -3.57 14.57
C PRO A 14 20.53 -3.13 14.62
N SER A 15 21.42 -4.11 14.80
CA SER A 15 22.84 -3.84 14.67
C SER A 15 23.14 -3.57 13.21
N TRP A 16 24.34 -3.10 12.92
N TRP A 16 24.34 -3.09 12.92
CA TRP A 16 24.75 -2.84 11.53
CA TRP A 16 24.74 -2.85 11.54
C TRP A 16 24.68 -4.11 10.69
C TRP A 16 24.63 -4.12 10.71
N GLU A 17 24.98 -5.25 11.30
CA GLU A 17 24.92 -6.53 10.62
C GLU A 17 23.47 -6.89 10.27
N GLU A 18 22.58 -6.75 11.23
CA GLU A 18 21.14 -7.02 11.02
C GLU A 18 20.57 -6.06 9.99
N PHE A 19 20.99 -4.80 10.08
CA PHE A 19 20.48 -3.72 9.25
C PHE A 19 20.92 -3.81 7.80
N ALA A 20 22.01 -4.51 7.54
CA ALA A 20 22.60 -4.56 6.19
C ALA A 20 21.66 -5.12 5.14
N ASP A 21 20.71 -5.97 5.56
CA ASP A 21 19.76 -6.56 4.61
C ASP A 21 18.33 -6.34 5.11
N PRO A 22 17.66 -5.34 4.56
CA PRO A 22 16.30 -4.99 5.00
C PRO A 22 15.31 -6.16 4.89
N PHE A 23 15.38 -6.95 3.82
CA PHE A 23 14.40 -8.01 3.65
C PHE A 23 14.64 -9.16 4.62
N ALA A 24 15.90 -9.49 4.87
CA ALA A 24 16.22 -10.48 5.89
C ALA A 24 15.75 -9.99 7.26
N PHE A 25 15.96 -8.70 7.54
CA PHE A 25 15.56 -8.15 8.82
C PHE A 25 14.04 -8.17 8.99
N ILE A 26 13.32 -7.78 7.95
CA ILE A 26 11.86 -7.75 8.00
C ILE A 26 11.31 -9.16 8.20
N HIS A 27 11.91 -10.12 7.51
CA HIS A 27 11.53 -11.52 7.70
C HIS A 27 11.76 -11.95 9.14
N LYS A 28 12.86 -11.50 9.72
CA LYS A 28 13.22 -11.86 11.09
C LYS A 28 12.22 -11.35 12.13
N ILE A 29 11.82 -10.09 12.01
CA ILE A 29 10.93 -9.49 13.00
C ILE A 29 9.45 -9.85 12.77
N ARG A 30 9.15 -10.43 11.62
CA ARG A 30 7.77 -10.69 11.23
C ARG A 30 6.93 -11.45 12.28
N PRO A 31 7.50 -12.48 12.93
CA PRO A 31 6.64 -13.16 13.92
C PRO A 31 6.17 -12.23 15.03
N ILE A 32 6.99 -11.26 15.41
CA ILE A 32 6.62 -10.27 16.42
C ILE A 32 5.71 -9.22 15.84
N ALA A 33 6.20 -8.57 14.79
CA ALA A 33 5.54 -7.39 14.25
C ALA A 33 4.21 -7.67 13.56
N GLU A 34 4.01 -8.87 13.03
CA GLU A 34 2.73 -9.14 12.39
C GLU A 34 1.62 -9.27 13.44
N GLN A 35 2.00 -9.46 14.70
CA GLN A 35 1.00 -9.50 15.79
C GLN A 35 0.52 -8.10 16.18
N THR A 36 1.23 -7.07 15.73
CA THR A 36 0.87 -5.70 16.11
C THR A 36 0.55 -4.82 14.91
N GLY A 37 0.80 -5.35 13.71
CA GLY A 37 0.45 -4.64 12.49
C GLY A 37 1.50 -3.64 12.06
N ILE A 38 1.94 -2.77 12.98
CA ILE A 38 3.01 -1.83 12.68
C ILE A 38 4.16 -2.05 13.64
N CYS A 39 5.35 -1.59 13.24
CA CYS A 39 6.50 -1.59 14.16
C CYS A 39 7.39 -0.44 13.79
N LYS A 40 8.29 -0.08 14.68
CA LYS A 40 9.19 1.02 14.45
C LYS A 40 10.61 0.49 14.37
N VAL A 41 11.40 1.04 13.46
CA VAL A 41 12.79 0.60 13.30
C VAL A 41 13.72 1.79 13.40
N ARG A 42 14.61 1.74 14.38
CA ARG A 42 15.66 2.75 14.51
C ARG A 42 16.94 2.23 13.88
N PRO A 43 17.41 2.90 12.84
CA PRO A 43 18.65 2.46 12.20
C PRO A 43 19.85 2.64 13.14
N PRO A 44 20.97 1.96 12.86
CA PRO A 44 22.19 2.22 13.63
C PRO A 44 22.53 3.71 13.66
N PRO A 45 23.11 4.18 14.77
CA PRO A 45 23.30 5.61 15.03
C PRO A 45 24.04 6.37 13.92
N ASP A 46 24.97 5.71 13.23
CA ASP A 46 25.73 6.40 12.19
C ASP A 46 25.15 6.20 10.79
N TRP A 47 24.02 5.48 10.67
CA TRP A 47 23.29 5.49 9.40
C TRP A 47 22.55 6.81 9.32
N GLN A 48 23.11 7.75 8.57
CA GLN A 48 22.55 9.08 8.51
C GLN A 48 22.57 9.61 7.10
N PRO A 49 21.55 9.24 6.30
CA PRO A 49 21.48 9.71 4.92
C PRO A 49 21.39 11.22 4.89
N PRO A 50 22.20 11.87 4.05
CA PRO A 50 22.18 13.33 3.97
C PRO A 50 20.90 13.81 3.34
N PHE A 51 20.28 14.82 3.94
CA PHE A 51 19.13 15.45 3.33
C PHE A 51 19.53 16.85 2.90
N ALA A 52 19.20 17.22 1.67
CA ALA A 52 19.46 18.56 1.19
C ALA A 52 18.44 18.97 0.15
N CYS A 53 17.89 20.17 0.32
CA CYS A 53 16.95 20.71 -0.63
C CYS A 53 16.81 22.21 -0.41
N ASP A 54 16.41 22.91 -1.46
CA ASP A 54 16.18 24.34 -1.40
C ASP A 54 14.72 24.56 -1.06
N VAL A 55 14.45 25.08 0.12
CA VAL A 55 13.06 25.24 0.57
C VAL A 55 12.28 26.22 -0.28
N ASP A 56 12.98 27.01 -1.10
CA ASP A 56 12.29 28.01 -1.91
C ASP A 56 11.96 27.50 -3.32
N LYS A 57 12.64 26.45 -3.76
CA LYS A 57 12.42 25.94 -5.12
C LYS A 57 11.53 24.71 -5.15
N LEU A 58 11.30 24.10 -4.00
CA LEU A 58 10.36 22.98 -3.92
C LEU A 58 8.95 23.50 -3.72
N HIS A 59 8.06 23.22 -4.67
CA HIS A 59 6.66 23.67 -4.69
CA HIS A 59 6.68 23.63 -4.48
C HIS A 59 5.74 22.47 -4.63
N PHE A 60 4.55 22.62 -4.06
CA PHE A 60 3.55 21.56 -4.14
C PHE A 60 2.17 22.14 -3.89
N THR A 61 1.15 21.40 -4.32
CA THR A 61 -0.23 21.80 -4.20
C THR A 61 -0.79 21.12 -2.96
N PRO A 62 -1.22 21.91 -1.99
CA PRO A 62 -1.67 21.31 -0.73
C PRO A 62 -3.07 20.73 -0.85
N ARG A 63 -3.35 19.71 -0.05
CA ARG A 63 -4.69 19.21 0.12
C ARG A 63 -5.27 19.81 1.38
N ILE A 64 -6.56 20.13 1.35
CA ILE A 64 -7.23 20.68 2.54
C ILE A 64 -7.97 19.55 3.24
N GLN A 65 -7.97 19.59 4.56
CA GLN A 65 -8.50 18.48 5.33
C GLN A 65 -9.33 18.99 6.49
N ARG A 66 -10.60 18.56 6.57
CA ARG A 66 -11.43 18.84 7.74
C ARG A 66 -11.20 17.74 8.76
N LEU A 67 -11.18 18.10 10.04
CA LEU A 67 -10.85 17.12 11.06
C LEU A 67 -12.08 16.69 11.90
N ASN A 68 -12.90 15.83 11.33
CA ASN A 68 -14.10 15.30 11.98
C ASN A 68 -14.14 13.79 12.01
N GLU A 69 -14.23 13.21 13.21
CA GLU A 69 -14.32 11.77 13.34
C GLU A 69 -15.49 11.22 12.55
N LEU A 70 -15.29 10.06 11.92
CA LEU A 70 -16.31 9.34 11.16
C LEU A 70 -16.76 10.02 9.86
N GLU A 71 -16.23 11.22 9.57
CA GLU A 71 -16.59 11.89 8.32
C GLU A 71 -15.81 11.30 7.15
N ALA A 72 -16.48 11.17 6.00
CA ALA A 72 -15.87 10.56 4.82
C ALA A 72 -14.78 11.48 4.25
N GLN A 73 -13.64 10.87 3.91
CA GLN A 73 -12.62 11.54 3.12
C GLN A 73 -12.24 10.60 1.97
N THR A 74 -11.71 11.16 0.88
CA THR A 74 -11.23 10.33 -0.21
C THR A 74 -9.72 10.14 -0.07
N ARG A 75 -9.26 8.91 -0.30
N ARG A 75 -9.24 8.91 -0.27
CA ARG A 75 -7.88 8.50 -0.04
CA ARG A 75 -7.84 8.59 0.03
C ARG A 75 -6.84 9.29 -0.83
C ARG A 75 -6.83 9.36 -0.82
N VAL A 76 -6.99 9.31 -2.15
CA VAL A 76 -6.06 10.06 -3.01
C VAL A 76 -6.81 11.06 -3.87
N LYS A 77 -6.12 12.09 -4.31
CA LYS A 77 -6.72 13.11 -5.18
C LYS A 77 -5.65 13.76 -6.06
N ASP A 85 -1.03 26.78 -3.82
CA ASP A 85 0.30 26.23 -4.04
C ASP A 85 1.33 26.83 -3.05
N TYR A 86 2.07 25.97 -2.37
CA TYR A 86 3.05 26.40 -1.38
C TYR A 86 4.47 26.08 -1.82
N THR A 87 5.46 26.87 -1.38
CA THR A 87 6.82 26.36 -1.38
C THR A 87 6.99 25.68 -0.02
N LEU A 88 8.03 24.86 0.11
CA LEU A 88 8.30 24.22 1.38
C LEU A 88 8.45 25.27 2.49
N ARG A 89 9.09 26.40 2.18
CA ARG A 89 9.25 27.46 3.17
C ARG A 89 7.91 28.06 3.60
N THR A 90 7.08 28.41 2.63
CA THR A 90 5.81 29.09 2.96
C THR A 90 4.85 28.11 3.64
N PHE A 91 4.90 26.82 3.29
CA PHE A 91 4.10 25.84 4.01
C PHE A 91 4.58 25.75 5.45
N GLY A 92 5.90 25.70 5.63
CA GLY A 92 6.49 25.62 6.94
C GLY A 92 6.14 26.80 7.83
N GLU A 93 6.13 27.98 7.23
CA GLU A 93 5.75 29.19 7.97
C GLU A 93 4.28 29.09 8.41
N MET A 94 3.41 28.66 7.51
CA MET A 94 1.99 28.49 7.82
C MET A 94 1.85 27.46 8.93
N ALA A 95 2.58 26.36 8.78
CA ALA A 95 2.45 25.23 9.70
C ALA A 95 2.87 25.59 11.13
N ASP A 96 4.02 26.25 11.25
CA ASP A 96 4.54 26.63 12.58
C ASP A 96 3.63 27.66 13.25
N ALA A 97 3.19 28.65 12.50
CA ALA A 97 2.26 29.65 13.01
C ALA A 97 0.96 29.01 13.47
N PHE A 98 0.44 28.05 12.70
CA PHE A 98 -0.79 27.38 13.07
C PHE A 98 -0.66 26.73 14.45
N LYS A 99 0.41 25.95 14.63
CA LYS A 99 0.59 25.20 15.86
C LYS A 99 0.84 26.15 17.02
N SER A 100 1.71 27.13 16.77
CA SER A 100 2.06 28.15 17.75
C SER A 100 0.82 28.89 18.26
N ASP A 101 -0.04 29.30 17.34
CA ASP A 101 -1.26 30.02 17.71
C ASP A 101 -2.31 29.13 18.35
N TYR A 102 -2.34 27.86 17.95
CA TYR A 102 -3.32 26.92 18.47
C TYR A 102 -3.12 26.69 19.96
N PHE A 103 -1.86 26.59 20.38
CA PHE A 103 -1.58 26.25 21.77
C PHE A 103 -1.07 27.46 22.57
N ASN A 104 -0.86 28.57 21.88
CA ASN A 104 -0.23 29.76 22.46
C ASN A 104 1.10 29.40 23.15
N MET A 105 1.92 28.62 22.45
CA MET A 105 3.21 28.15 22.95
C MET A 105 4.23 28.09 21.82
N PRO A 106 5.54 28.14 22.15
CA PRO A 106 6.54 27.81 21.12
C PRO A 106 6.31 26.39 20.58
N VAL A 107 6.63 26.05 19.33
N VAL A 107 6.37 26.35 19.25
CA VAL A 107 6.30 24.66 18.88
CA VAL A 107 5.82 25.34 18.34
C VAL A 107 7.00 23.46 19.63
C VAL A 107 6.39 24.00 18.62
N HIS A 108 8.26 23.59 20.02
N HIS A 108 7.65 24.00 19.01
CA HIS A 108 8.99 22.47 20.64
CA HIS A 108 8.38 22.75 19.16
C HIS A 108 8.60 22.31 22.08
C HIS A 108 8.24 22.17 20.56
N MET A 109 7.75 23.21 22.55
N MET A 109 7.62 22.91 21.48
CA MET A 109 7.31 23.12 23.93
CA MET A 109 7.67 22.56 22.91
C MET A 109 5.98 22.41 24.03
C MET A 109 6.42 21.89 23.50
N VAL A 110 5.27 22.20 22.91
CA VAL A 110 4.01 21.44 23.04
C VAL A 110 4.28 19.94 23.17
N PRO A 111 3.94 19.36 24.34
CA PRO A 111 4.14 17.94 24.63
C PRO A 111 3.39 17.03 23.67
N THR A 112 3.99 15.89 23.30
CA THR A 112 3.36 15.06 22.28
C THR A 112 2.06 14.45 22.83
N GLU A 113 2.02 14.11 24.11
N GLU A 113 2.08 14.12 24.11
CA GLU A 113 0.79 13.53 24.66
CA GLU A 113 0.90 13.59 24.81
C GLU A 113 -0.33 14.56 24.71
C GLU A 113 -0.28 14.56 24.69
N LEU A 114 0.01 15.85 24.79
CA LEU A 114 -1.00 16.89 24.73
C LEU A 114 -1.56 17.03 23.31
N VAL A 115 -0.69 17.00 22.30
CA VAL A 115 -1.16 17.10 20.93
C VAL A 115 -2.08 15.92 20.59
N GLU A 116 -1.73 14.73 21.09
CA GLU A 116 -2.53 13.52 20.86
C GLU A 116 -3.90 13.61 21.51
N LYS A 117 -3.90 13.97 22.80
CA LYS A 117 -5.15 14.13 23.56
C LYS A 117 -6.04 15.17 22.89
N GLU A 118 -5.43 16.26 22.44
CA GLU A 118 -6.19 17.35 21.85
C GLU A 118 -6.72 16.99 20.48
N PHE A 119 -5.95 16.21 19.72
CA PHE A 119 -6.41 15.74 18.41
C PHE A 119 -7.70 14.96 18.58
N TRP A 120 -7.71 14.02 19.50
CA TRP A 120 -8.89 13.18 19.66
C TRP A 120 -10.05 13.96 20.25
N ARG A 121 -9.75 15.03 20.98
CA ARG A 121 -10.81 15.92 21.43
C ARG A 121 -11.40 16.67 20.24
N LEU A 122 -10.54 17.31 19.46
CA LEU A 122 -11.06 18.19 18.42
C LEU A 122 -11.81 17.45 17.32
N VAL A 123 -11.40 16.23 16.97
CA VAL A 123 -12.08 15.53 15.88
C VAL A 123 -13.47 15.03 16.32
N SER A 124 -13.68 14.89 17.62
CA SER A 124 -14.94 14.34 18.11
C SER A 124 -15.94 15.42 18.50
N THR A 125 -15.47 16.65 18.63
CA THR A 125 -16.32 17.77 19.03
C THR A 125 -16.94 18.48 17.83
N ILE A 126 -18.26 18.39 17.69
CA ILE A 126 -18.98 19.00 16.57
C ILE A 126 -18.74 20.51 16.45
N GLU A 127 -18.67 21.17 17.59
CA GLU A 127 -18.53 22.63 17.64
C GLU A 127 -17.21 23.11 17.06
N GLU A 128 -16.18 22.27 17.12
CA GLU A 128 -14.89 22.62 16.52
C GLU A 128 -14.90 22.33 15.02
N ASP A 129 -14.36 23.24 14.22
CA ASP A 129 -14.16 22.96 12.80
C ASP A 129 -12.75 23.40 12.37
N VAL A 130 -11.78 22.63 12.83
CA VAL A 130 -10.39 22.84 12.48
C VAL A 130 -10.12 22.25 11.11
N THR A 131 -9.55 23.04 10.21
CA THR A 131 -9.08 22.51 8.94
C THR A 131 -7.57 22.72 8.82
N VAL A 132 -6.89 21.73 8.28
CA VAL A 132 -5.44 21.82 8.12
C VAL A 132 -5.10 21.42 6.68
N GLU A 133 -3.82 21.53 6.32
CA GLU A 133 -3.37 21.23 4.97
C GLU A 133 -2.15 20.32 5.02
N TYR A 134 -1.86 19.64 3.92
CA TYR A 134 -0.71 18.77 3.86
C TYR A 134 -0.33 18.50 2.42
N GLY A 135 0.84 17.91 2.23
CA GLY A 135 1.28 17.52 0.91
C GLY A 135 1.36 16.02 0.80
N ALA A 136 0.97 15.49 -0.35
CA ALA A 136 1.15 14.07 -0.64
C ALA A 136 1.27 13.91 -2.13
N ASP A 137 2.44 13.50 -2.60
CA ASP A 137 2.68 13.33 -4.05
C ASP A 137 3.80 12.36 -4.31
N ILE A 138 3.77 11.66 -5.45
CA ILE A 138 4.90 10.81 -5.80
C ILE A 138 6.06 11.67 -6.20
N ALA A 139 7.27 11.13 -6.07
CA ALA A 139 8.46 11.85 -6.49
C ALA A 139 8.33 12.27 -7.95
N SER A 140 8.69 13.51 -8.23
CA SER A 140 8.72 14.05 -9.58
C SER A 140 9.93 14.97 -9.69
N LYS A 141 10.10 15.61 -10.84
CA LYS A 141 11.16 16.59 -11.01
C LYS A 141 10.85 17.87 -10.23
N GLU A 142 9.57 18.14 -10.00
CA GLU A 142 9.16 19.32 -9.26
C GLU A 142 9.38 19.12 -7.76
N PHE A 143 9.41 17.86 -7.34
CA PHE A 143 9.57 17.50 -5.93
C PHE A 143 10.09 16.08 -5.80
N GLY A 144 11.38 15.93 -5.52
CA GLY A 144 12.02 14.63 -5.59
C GLY A 144 12.18 13.89 -4.28
N SER A 145 12.69 12.66 -4.37
CA SER A 145 12.97 11.85 -3.20
C SER A 145 13.83 12.60 -2.18
N GLY A 146 13.61 12.33 -0.92
CA GLY A 146 14.47 12.88 0.12
C GLY A 146 15.77 12.09 0.25
N PHE A 147 15.83 10.92 -0.38
CA PHE A 147 17.05 10.09 -0.38
C PHE A 147 17.89 10.43 -1.61
N PRO A 148 19.22 10.18 -1.54
CA PRO A 148 20.06 10.38 -2.72
C PRO A 148 19.65 9.50 -3.89
N VAL A 149 19.58 10.09 -5.09
CA VAL A 149 19.40 9.35 -6.33
C VAL A 149 20.49 9.73 -7.33
N ARG A 150 20.67 8.94 -8.39
CA ARG A 150 21.72 9.19 -9.36
C ARG A 150 21.34 10.22 -10.44
N ASP A 151 22.26 11.16 -10.70
CA ASP A 151 22.22 12.07 -11.86
C ASP A 151 23.35 13.10 -11.72
N ILE A 154 23.07 14.09 -10.86
CA ILE A 154 23.91 15.28 -10.67
C ILE A 154 25.27 14.90 -10.07
N LYS A 155 26.18 15.85 -9.88
CA LYS A 155 27.44 15.50 -9.22
C LYS A 155 27.22 15.35 -7.71
N LEU A 156 27.24 14.10 -7.26
CA LEU A 156 26.97 13.73 -5.87
C LEU A 156 28.24 13.69 -5.02
N SER A 157 28.12 14.15 -3.78
CA SER A 157 29.20 14.05 -2.79
C SER A 157 29.39 12.60 -2.32
N PRO A 158 30.57 12.28 -1.78
CA PRO A 158 30.83 10.94 -1.24
C PRO A 158 29.79 10.47 -0.21
N GLU A 159 29.31 11.38 0.64
CA GLU A 159 28.29 11.03 1.63
C GLU A 159 27.02 10.49 0.95
N GLU A 160 26.58 11.18 -0.12
CA GLU A 160 25.38 10.80 -0.85
C GLU A 160 25.59 9.48 -1.58
N GLU A 161 26.82 9.25 -2.03
CA GLU A 161 27.15 8.04 -2.77
C GLU A 161 27.06 6.81 -1.87
N GLU A 162 27.41 6.99 -0.61
CA GLU A 162 27.30 5.92 0.38
C GLU A 162 25.88 5.35 0.49
N TYR A 163 24.88 6.21 0.34
CA TYR A 163 23.49 5.84 0.60
C TYR A 163 22.71 5.57 -0.68
N LEU A 164 23.38 5.62 -1.82
CA LEU A 164 22.73 5.43 -3.11
C LEU A 164 22.16 4.03 -3.25
N ASP A 165 22.88 3.06 -2.70
CA ASP A 165 22.54 1.67 -2.98
C ASP A 165 22.04 0.98 -1.73
N SER A 166 21.86 1.74 -0.66
CA SER A 166 21.28 1.21 0.56
C SER A 166 19.93 0.57 0.27
N GLY A 167 19.70 -0.60 0.86
CA GLY A 167 18.39 -1.23 0.78
C GLY A 167 17.33 -0.36 1.44
N TRP A 168 17.74 0.43 2.43
CA TRP A 168 16.80 1.28 3.17
C TRP A 168 16.60 2.64 2.50
N ASN A 169 17.36 2.91 1.46
CA ASN A 169 17.04 4.04 0.59
C ASN A 169 15.74 3.66 -0.09
N LEU A 170 14.66 4.38 0.18
CA LEU A 170 13.35 3.84 -0.21
C LEU A 170 13.12 3.77 -1.73
N ASN A 171 13.99 4.42 -2.51
CA ASN A 171 13.96 4.21 -3.96
C ASN A 171 14.43 2.83 -4.41
N ASN A 172 15.37 2.26 -3.67
CA ASN A 172 15.90 0.94 -3.99
C ASN A 172 15.04 -0.23 -3.53
N MET A 173 14.34 -0.07 -2.40
CA MET A 173 13.50 -1.13 -1.86
C MET A 173 12.66 -1.83 -2.94
N PRO A 174 12.02 -1.06 -3.85
CA PRO A 174 11.30 -1.76 -4.92
C PRO A 174 12.10 -1.99 -6.20
N VAL A 175 13.33 -2.51 -6.08
CA VAL A 175 14.07 -3.09 -7.21
C VAL A 175 15.03 -4.13 -6.67
N MET A 176 14.99 -4.35 -5.36
CA MET A 176 15.88 -5.34 -4.73
C MET A 176 15.52 -6.75 -5.16
N GLU A 177 16.43 -7.69 -4.92
CA GLU A 177 16.26 -9.05 -5.43
C GLU A 177 15.21 -9.83 -4.62
N GLN A 178 15.12 -9.59 -3.32
CA GLN A 178 14.12 -10.27 -2.51
C GLN A 178 12.74 -9.62 -2.64
N SER A 179 12.65 -8.56 -3.44
CA SER A 179 11.37 -7.91 -3.67
C SER A 179 10.62 -8.61 -4.81
N VAL A 180 9.30 -8.68 -4.69
CA VAL A 180 8.49 -9.38 -5.68
C VAL A 180 7.94 -8.39 -6.72
N LEU A 181 7.51 -7.23 -6.24
CA LEU A 181 6.92 -6.18 -7.09
C LEU A 181 7.94 -5.60 -8.06
N ALA A 182 9.15 -6.14 -8.01
CA ALA A 182 10.26 -5.68 -8.83
C ALA A 182 9.95 -5.78 -10.31
N HIS A 183 9.73 -7.00 -10.78
CA HIS A 183 9.71 -7.28 -12.21
C HIS A 183 8.40 -6.93 -12.90
N ILE A 184 7.42 -6.39 -12.18
CA ILE A 184 6.18 -5.95 -12.84
C ILE A 184 6.49 -4.93 -13.93
N THR A 185 6.09 -5.25 -15.15
CA THR A 185 6.33 -4.39 -16.31
C THR A 185 5.13 -3.48 -16.57
N ALA A 186 3.97 -3.85 -16.03
CA ALA A 186 2.78 -3.02 -16.14
C ALA A 186 2.98 -1.71 -15.38
N ASP A 187 2.22 -0.69 -15.76
CA ASP A 187 2.34 0.60 -15.10
C ASP A 187 1.61 0.57 -13.77
N ILE A 188 2.39 0.60 -12.69
CA ILE A 188 1.83 0.64 -11.34
C ILE A 188 2.52 1.76 -10.56
N CYS A 189 2.82 2.86 -11.27
CA CYS A 189 3.63 3.95 -10.74
C CYS A 189 3.12 4.54 -9.42
N GLY A 190 1.80 4.56 -9.24
CA GLY A 190 1.23 5.03 -7.99
C GLY A 190 1.57 4.12 -6.81
N MET A 191 2.20 2.99 -7.12
CA MET A 191 2.42 1.95 -6.13
C MET A 191 3.91 1.55 -5.98
N LYS A 192 4.70 1.68 -7.03
CA LYS A 192 6.10 1.25 -6.96
C LYS A 192 7.08 2.43 -6.67
N LEU A 193 6.62 3.65 -6.93
CA LEU A 193 7.41 4.84 -6.65
C LEU A 193 7.13 5.35 -5.24
N PRO A 194 8.15 5.90 -4.57
CA PRO A 194 7.90 6.48 -3.25
C PRO A 194 7.00 7.70 -3.32
N TRP A 195 6.22 7.91 -2.25
CA TRP A 195 5.43 9.11 -2.07
C TRP A 195 6.10 10.02 -1.04
N LEU A 196 5.98 11.32 -1.25
CA LEU A 196 6.50 12.32 -0.33
C LEU A 196 5.36 13.02 0.39
N TYR A 197 5.52 13.21 1.70
CA TYR A 197 4.46 13.73 2.54
C TYR A 197 4.97 14.92 3.36
N VAL A 198 4.44 16.11 3.13
CA VAL A 198 4.77 17.25 3.97
C VAL A 198 3.65 17.40 5.02
N GLY A 199 3.99 17.25 6.30
CA GLY A 199 2.97 17.27 7.35
C GLY A 199 2.90 18.59 8.11
N MET A 200 1.79 18.81 8.81
CA MET A 200 1.69 19.89 9.78
C MET A 200 0.89 19.38 10.98
N CYS A 201 0.88 20.13 12.08
CA CYS A 201 0.16 19.71 13.29
C CYS A 201 -1.28 19.29 12.95
N PHE A 202 -1.65 18.07 13.36
CA PHE A 202 -2.97 17.46 13.19
C PHE A 202 -3.29 16.93 11.78
N SER A 203 -2.43 17.16 10.78
CA SER A 203 -2.75 16.63 9.44
C SER A 203 -2.71 15.12 9.58
N SER A 204 -3.70 14.42 9.02
CA SER A 204 -3.85 13.03 9.42
C SER A 204 -4.04 12.11 8.24
N PHE A 205 -3.73 10.86 8.46
CA PHE A 205 -4.05 9.85 7.48
C PHE A 205 -5.12 8.94 8.09
N CYS A 206 -6.21 8.76 7.36
CA CYS A 206 -7.33 7.94 7.82
C CYS A 206 -6.98 6.47 7.82
N TRP A 207 -7.78 5.68 8.54
CA TRP A 207 -7.60 4.24 8.61
C TRP A 207 -7.61 3.63 7.21
N HIS A 208 -6.57 2.86 6.90
CA HIS A 208 -6.53 2.17 5.60
C HIS A 208 -5.57 1.02 5.66
N ILE A 209 -5.66 0.15 4.64
CA ILE A 209 -4.62 -0.85 4.39
C ILE A 209 -4.06 -0.57 3.00
N GLU A 210 -2.92 -1.18 2.67
CA GLU A 210 -2.27 -0.85 1.41
C GLU A 210 -2.94 -1.60 0.26
N ASP A 211 -2.83 -1.04 -0.93
CA ASP A 211 -3.32 -1.75 -2.12
C ASP A 211 -2.70 -3.13 -2.22
N HIS A 212 -3.53 -4.11 -2.61
CA HIS A 212 -3.12 -5.50 -2.72
C HIS A 212 -2.54 -6.05 -1.42
N TRP A 213 -2.89 -5.41 -0.29
CA TRP A 213 -2.39 -5.82 1.02
C TRP A 213 -0.86 -5.86 1.09
N SER A 214 -0.23 -4.92 0.41
CA SER A 214 1.23 -4.92 0.43
C SER A 214 1.76 -4.38 1.76
N TYR A 215 3.05 -4.57 1.99
CA TYR A 215 3.74 -3.85 3.06
C TYR A 215 3.83 -2.38 2.74
N SER A 216 4.07 -1.55 3.75
N SER A 216 4.13 -1.58 3.76
CA SER A 216 4.58 -0.22 3.46
CA SER A 216 4.53 -0.21 3.54
C SER A 216 5.70 0.06 4.46
C SER A 216 5.65 0.12 4.51
N ILE A 217 6.57 0.97 4.07
CA ILE A 217 7.67 1.41 4.92
C ILE A 217 7.75 2.91 4.74
N ASN A 218 7.87 3.60 5.87
CA ASN A 218 7.76 5.04 5.94
C ASN A 218 8.98 5.57 6.69
N TYR A 219 9.68 6.53 6.12
CA TYR A 219 10.83 7.16 6.77
C TYR A 219 10.52 8.61 7.03
N LEU A 220 10.74 9.03 8.26
CA LEU A 220 10.55 10.45 8.58
C LEU A 220 11.90 11.14 8.44
N HIS A 221 12.06 11.94 7.38
CA HIS A 221 13.35 12.56 7.08
C HIS A 221 13.75 13.58 8.14
N TRP A 222 12.79 14.44 8.49
CA TRP A 222 13.03 15.49 9.46
C TRP A 222 11.74 16.10 9.96
N GLY A 223 11.83 16.82 11.07
CA GLY A 223 10.70 17.53 11.62
C GLY A 223 10.13 16.91 12.87
N GLU A 224 8.96 17.38 13.26
CA GLU A 224 8.30 16.86 14.46
C GLU A 224 7.70 15.48 14.20
N PRO A 225 7.42 14.72 15.28
CA PRO A 225 7.04 13.32 15.10
C PRO A 225 5.73 13.09 14.36
N LYS A 226 5.55 11.84 13.91
CA LYS A 226 4.28 11.38 13.36
C LYS A 226 3.74 10.33 14.33
N THR A 227 2.50 10.51 14.76
CA THR A 227 1.87 9.56 15.66
C THR A 227 1.09 8.51 14.87
N TRP A 228 1.33 7.24 15.15
CA TRP A 228 0.70 6.13 14.44
C TRP A 228 -0.21 5.30 15.30
N TYR A 229 -1.28 4.77 14.70
CA TYR A 229 -2.02 3.67 15.30
C TYR A 229 -2.06 2.52 14.29
N GLY A 230 -1.91 1.29 14.77
CA GLY A 230 -1.93 0.13 13.90
C GLY A 230 -2.67 -1.04 14.50
N VAL A 231 -3.21 -1.87 13.61
CA VAL A 231 -4.01 -3.04 13.96
C VAL A 231 -3.41 -4.20 13.19
N PRO A 232 -3.19 -5.36 13.86
CA PRO A 232 -2.59 -6.49 13.15
C PRO A 232 -3.50 -7.03 12.03
N GLY A 233 -2.89 -7.63 11.02
CA GLY A 233 -3.63 -8.16 9.89
C GLY A 233 -4.75 -9.11 10.27
N TYR A 234 -4.54 -9.89 11.33
CA TYR A 234 -5.52 -10.89 11.67
C TYR A 234 -6.83 -10.27 12.14
N ALA A 235 -6.80 -8.98 12.51
CA ALA A 235 -7.98 -8.32 13.05
C ALA A 235 -8.62 -7.38 12.06
N ALA A 236 -8.19 -7.43 10.80
CA ALA A 236 -8.69 -6.50 9.79
C ALA A 236 -10.23 -6.52 9.65
N GLU A 237 -10.80 -7.72 9.60
CA GLU A 237 -12.25 -7.80 9.40
C GLU A 237 -13.01 -7.38 10.67
N GLN A 238 -12.40 -7.56 11.84
CA GLN A 238 -13.02 -7.05 13.07
C GLN A 238 -13.14 -5.54 12.99
N LEU A 239 -12.07 -4.88 12.55
CA LEU A 239 -12.06 -3.44 12.45
C LEU A 239 -13.09 -2.98 11.43
N GLU A 240 -13.15 -3.67 10.29
CA GLU A 240 -14.08 -3.26 9.25
C GLU A 240 -15.52 -3.39 9.74
N ASN A 241 -15.78 -4.45 10.50
CA ASN A 241 -17.11 -4.64 11.08
C ASN A 241 -17.45 -3.54 12.08
N VAL A 242 -16.51 -3.15 12.92
CA VAL A 242 -16.76 -2.04 13.84
C VAL A 242 -17.06 -0.79 13.04
N MET A 243 -16.24 -0.50 12.04
CA MET A 243 -16.39 0.74 11.29
C MET A 243 -17.68 0.77 10.46
N LYS A 244 -18.04 -0.37 9.89
CA LYS A 244 -19.26 -0.50 9.08
C LYS A 244 -20.50 -0.16 9.92
N LYS A 245 -20.47 -0.56 11.18
CA LYS A 245 -21.58 -0.27 12.08
C LYS A 245 -21.66 1.22 12.36
N LEU A 246 -20.52 1.86 12.60
CA LEU A 246 -20.52 3.28 12.95
C LEU A 246 -20.60 4.23 11.74
N ALA A 247 -20.22 3.75 10.56
CA ALA A 247 -20.18 4.64 9.39
C ALA A 247 -20.42 3.89 8.08
N PRO A 248 -21.65 3.37 7.89
CA PRO A 248 -21.97 2.52 6.74
C PRO A 248 -21.76 3.19 5.37
N GLU A 249 -21.89 4.51 5.33
CA GLU A 249 -21.68 5.28 4.09
C GLU A 249 -20.32 4.99 3.44
N LEU A 250 -19.31 4.71 4.26
CA LEU A 250 -17.96 4.45 3.74
C LEU A 250 -17.87 3.13 2.99
N PHE A 251 -18.88 2.28 3.15
CA PHE A 251 -18.80 0.93 2.64
C PHE A 251 -19.65 0.68 1.40
N VAL A 252 -20.26 1.74 0.86
CA VAL A 252 -21.01 1.63 -0.38
C VAL A 252 -20.06 1.38 -1.55
N SER A 253 -20.59 0.79 -2.63
CA SER A 253 -19.78 0.47 -3.80
C SER A 253 -19.20 1.73 -4.43
N GLN A 254 -17.93 1.65 -4.85
CA GLN A 254 -17.27 2.82 -5.43
C GLN A 254 -16.99 2.65 -6.91
N PRO A 255 -17.23 3.72 -7.70
CA PRO A 255 -17.12 3.72 -9.16
C PRO A 255 -15.70 3.46 -9.67
N ASP A 256 -14.68 3.76 -8.85
CA ASP A 256 -13.29 3.47 -9.21
C ASP A 256 -12.35 3.58 -8.02
N LEU A 257 -11.05 3.49 -8.29
CA LEU A 257 -10.04 3.55 -7.24
C LEU A 257 -9.80 4.97 -6.76
N LEU A 258 -10.24 5.95 -7.55
CA LEU A 258 -10.10 7.36 -7.18
C LEU A 258 -11.22 7.80 -6.25
N HIS A 259 -12.03 6.85 -5.81
CA HIS A 259 -13.18 7.18 -4.97
C HIS A 259 -13.23 6.34 -3.71
N GLN A 260 -12.07 5.84 -3.27
CA GLN A 260 -11.98 5.11 -2.01
C GLN A 260 -12.30 6.05 -0.84
N LEU A 261 -13.25 5.65 -0.01
CA LEU A 261 -13.69 6.47 1.12
C LEU A 261 -13.04 5.98 2.40
N VAL A 262 -12.50 6.91 3.18
CA VAL A 262 -11.81 6.55 4.42
C VAL A 262 -12.16 7.56 5.50
N THR A 263 -11.86 7.24 6.74
CA THR A 263 -12.22 8.13 7.84
C THR A 263 -11.28 8.11 9.06
N ILE A 264 -11.36 9.17 9.84
CA ILE A 264 -10.74 9.25 11.16
C ILE A 264 -11.60 8.50 12.17
N MET A 265 -10.99 7.64 12.97
CA MET A 265 -11.74 6.99 14.05
C MET A 265 -10.87 6.73 15.28
N ASN A 266 -11.38 7.12 16.44
CA ASN A 266 -10.68 6.96 17.71
C ASN A 266 -10.29 5.51 17.98
N PRO A 267 -9.01 5.24 18.24
CA PRO A 267 -8.58 3.87 18.59
C PRO A 267 -9.28 3.34 19.84
N ASN A 268 -9.70 4.21 20.75
CA ASN A 268 -10.41 3.74 21.95
C ASN A 268 -11.74 3.07 21.56
N THR A 269 -12.35 3.54 20.49
CA THR A 269 -13.56 2.92 19.96
C THR A 269 -13.28 1.49 19.53
N LEU A 270 -12.17 1.28 18.81
CA LEU A 270 -11.77 -0.07 18.45
C LEU A 270 -11.45 -0.93 19.66
N MET A 271 -10.71 -0.36 20.62
CA MET A 271 -10.34 -1.10 21.81
C MET A 271 -11.58 -1.50 22.65
N THR A 272 -12.59 -0.65 22.65
CA THR A 272 -13.86 -0.93 23.33
C THR A 272 -14.52 -2.17 22.71
N HIS A 273 -14.35 -2.32 21.40
CA HIS A 273 -14.90 -3.47 20.69
C HIS A 273 -13.92 -4.62 20.53
N GLU A 274 -12.92 -4.64 21.39
CA GLU A 274 -11.95 -5.73 21.48
C GLU A 274 -11.11 -5.90 20.20
N VAL A 275 -10.92 -4.81 19.46
CA VAL A 275 -9.95 -4.80 18.36
C VAL A 275 -8.59 -4.37 18.89
N PRO A 276 -7.56 -5.22 18.76
CA PRO A 276 -6.24 -4.85 19.28
C PRO A 276 -5.63 -3.70 18.48
N VAL A 277 -5.16 -2.67 19.18
CA VAL A 277 -4.61 -1.48 18.55
C VAL A 277 -3.30 -1.11 19.25
N TYR A 278 -2.29 -0.71 18.48
CA TYR A 278 -1.01 -0.31 19.04
C TYR A 278 -0.65 1.10 18.54
N ARG A 279 0.23 1.79 19.26
CA ARG A 279 0.59 3.15 18.88
C ARG A 279 2.11 3.32 18.84
N THR A 280 2.56 4.40 18.22
CA THR A 280 3.95 4.83 18.37
C THR A 280 4.11 6.26 17.93
N ASN A 281 5.11 6.95 18.47
CA ASN A 281 5.54 8.22 17.92
C ASN A 281 6.78 7.96 17.10
N GLN A 282 6.71 8.19 15.81
CA GLN A 282 7.86 8.05 14.93
C GLN A 282 8.59 9.37 14.89
N CYS A 283 9.85 9.39 15.32
CA CYS A 283 10.64 10.62 15.26
C CYS A 283 11.53 10.66 14.02
N ALA A 284 12.04 11.85 13.71
CA ALA A 284 12.95 12.04 12.58
C ALA A 284 14.08 11.01 12.62
N GLY A 285 14.35 10.41 11.47
CA GLY A 285 15.35 9.36 11.37
C GLY A 285 14.89 7.96 11.71
N GLU A 286 13.58 7.77 11.94
CA GLU A 286 13.08 6.44 12.26
C GLU A 286 12.14 5.92 11.16
N PHE A 287 12.14 4.61 11.01
CA PHE A 287 11.24 3.93 10.10
C PHE A 287 10.04 3.38 10.82
N VAL A 288 8.88 3.43 10.15
CA VAL A 288 7.75 2.60 10.54
C VAL A 288 7.44 1.62 9.39
N ILE A 289 7.19 0.37 9.74
CA ILE A 289 6.81 -0.64 8.76
C ILE A 289 5.41 -1.13 9.05
N THR A 290 4.55 -1.16 8.03
CA THR A 290 3.23 -1.76 8.19
C THR A 290 3.19 -3.07 7.43
N PHE A 291 2.57 -4.07 8.04
CA PHE A 291 2.54 -5.43 7.50
C PHE A 291 1.26 -5.67 6.71
N PRO A 292 1.22 -6.73 5.87
CA PRO A 292 0.04 -6.96 5.01
C PRO A 292 -1.30 -6.94 5.73
N ARG A 293 -2.25 -6.15 5.22
N ARG A 293 -2.22 -6.14 5.20
CA ARG A 293 -3.61 -6.10 5.74
CA ARG A 293 -3.61 -6.00 5.68
C ARG A 293 -3.59 -5.60 7.21
C ARG A 293 -3.68 -5.41 7.09
N ALA A 294 -2.59 -4.78 7.54
CA ALA A 294 -2.56 -4.11 8.84
C ALA A 294 -3.13 -2.70 8.71
N TYR A 295 -4.28 -2.48 9.32
CA TYR A 295 -4.91 -1.17 9.30
C TYR A 295 -4.03 -0.18 10.08
N HIS A 296 -3.90 1.04 9.57
CA HIS A 296 -3.16 2.06 10.31
C HIS A 296 -3.72 3.42 9.99
N SER A 297 -3.52 4.35 10.92
CA SER A 297 -3.94 5.72 10.78
C SER A 297 -3.04 6.55 11.68
N GLY A 298 -3.12 7.86 11.59
CA GLY A 298 -2.34 8.68 12.49
C GLY A 298 -2.41 10.14 12.13
N PHE A 299 -1.50 10.92 12.69
CA PHE A 299 -1.53 12.35 12.45
C PHE A 299 -0.14 12.88 12.75
N ASN A 300 0.20 14.01 12.15
CA ASN A 300 1.50 14.62 12.40
C ASN A 300 1.44 15.56 13.61
N GLN A 301 2.54 15.63 14.35
CA GLN A 301 2.64 16.48 15.53
C GLN A 301 3.02 17.91 15.19
N GLY A 302 3.47 18.14 13.97
CA GLY A 302 3.93 19.45 13.55
C GLY A 302 4.53 19.37 12.16
N PHE A 303 5.21 20.43 11.73
CA PHE A 303 5.80 20.52 10.40
C PHE A 303 6.86 19.41 10.21
N ASN A 304 6.68 18.57 9.20
CA ASN A 304 7.64 17.50 8.98
C ASN A 304 7.65 17.01 7.52
N PHE A 305 8.51 16.04 7.23
CA PHE A 305 8.73 15.61 5.85
C PHE A 305 9.04 14.14 5.85
N ALA A 306 8.17 13.36 5.21
CA ALA A 306 8.28 11.91 5.26
C ALA A 306 8.24 11.34 3.85
N GLU A 307 8.61 10.07 3.75
CA GLU A 307 8.71 9.40 2.47
C GLU A 307 8.34 7.96 2.69
N ALA A 308 7.48 7.42 1.84
CA ALA A 308 6.98 6.09 2.05
C ALA A 308 6.83 5.34 0.73
N VAL A 309 6.90 4.02 0.80
CA VAL A 309 6.74 3.22 -0.41
C VAL A 309 6.15 1.88 -0.05
N ASN A 310 5.38 1.31 -0.97
CA ASN A 310 4.88 -0.05 -0.82
C ASN A 310 5.91 -1.05 -1.28
N PHE A 311 5.85 -2.26 -0.74
CA PHE A 311 6.69 -3.33 -1.26
C PHE A 311 6.08 -4.69 -0.92
N CYS A 312 6.55 -5.70 -1.63
CA CYS A 312 6.02 -7.04 -1.49
C CYS A 312 7.16 -8.04 -1.42
N THR A 313 7.18 -8.82 -0.35
CA THR A 313 8.18 -9.86 -0.13
C THR A 313 7.62 -11.20 -0.59
N VAL A 314 8.41 -12.28 -0.49
CA VAL A 314 7.90 -13.62 -0.79
C VAL A 314 6.85 -14.06 0.21
N ASP A 315 6.98 -13.61 1.45
CA ASP A 315 6.01 -13.92 2.49
C ASP A 315 4.61 -13.43 2.08
N TRP A 316 4.57 -12.34 1.31
CA TRP A 316 3.33 -11.71 0.92
C TRP A 316 2.60 -12.44 -0.21
N LEU A 317 3.33 -13.19 -1.04
CA LEU A 317 2.75 -13.76 -2.27
C LEU A 317 1.39 -14.46 -2.05
N PRO A 318 1.29 -15.38 -1.08
CA PRO A 318 -0.03 -16.00 -0.89
C PRO A 318 -1.12 -15.01 -0.47
N LEU A 319 -0.75 -13.97 0.27
CA LEU A 319 -1.71 -12.97 0.70
C LEU A 319 -2.17 -12.11 -0.47
N GLY A 320 -1.24 -11.81 -1.38
CA GLY A 320 -1.59 -11.10 -2.60
C GLY A 320 -2.68 -11.82 -3.37
N ARG A 321 -2.57 -13.15 -3.48
CA ARG A 321 -3.59 -13.94 -4.16
C ARG A 321 -4.91 -13.87 -3.40
N GLN A 322 -4.84 -13.98 -2.08
N GLN A 322 -4.86 -14.00 -2.07
CA GLN A 322 -6.04 -13.90 -1.26
CA GLN A 322 -6.07 -13.89 -1.26
C GLN A 322 -6.70 -12.52 -1.34
C GLN A 322 -6.71 -12.52 -1.41
N CYS A 323 -5.89 -11.48 -1.46
CA CYS A 323 -6.42 -10.12 -1.60
C CYS A 323 -7.22 -9.96 -2.87
N VAL A 324 -6.72 -10.48 -3.98
CA VAL A 324 -7.41 -10.31 -5.25
C VAL A 324 -8.74 -11.07 -5.22
N GLU A 325 -8.75 -12.20 -4.54
CA GLU A 325 -9.98 -12.94 -4.33
C GLU A 325 -10.97 -12.09 -3.52
N HIS A 326 -10.45 -11.41 -2.50
CA HIS A 326 -11.27 -10.56 -1.65
C HIS A 326 -11.78 -9.36 -2.45
N TYR A 327 -10.95 -8.78 -3.31
CA TYR A 327 -11.41 -7.70 -4.18
C TYR A 327 -12.55 -8.16 -5.07
N ARG A 328 -12.46 -9.39 -5.58
N ARG A 328 -12.45 -9.40 -5.54
CA ARG A 328 -13.50 -9.91 -6.47
CA ARG A 328 -13.43 -10.01 -6.44
C ARG A 328 -14.82 -10.01 -5.71
C ARG A 328 -14.79 -10.14 -5.76
N LEU A 329 -14.78 -10.60 -4.52
CA LEU A 329 -15.99 -10.73 -3.69
C LEU A 329 -16.62 -9.36 -3.41
N LEU A 330 -15.79 -8.33 -3.31
CA LEU A 330 -16.27 -6.97 -3.05
C LEU A 330 -16.52 -6.12 -4.30
N HIS A 331 -16.19 -6.65 -5.47
CA HIS A 331 -16.25 -5.90 -6.73
C HIS A 331 -15.35 -4.66 -6.72
N ARG A 332 -14.17 -4.78 -6.11
CA ARG A 332 -13.20 -3.69 -6.06
C ARG A 332 -12.19 -3.80 -7.21
N TYR A 333 -11.81 -2.66 -7.79
CA TYR A 333 -10.81 -2.64 -8.85
C TYR A 333 -9.42 -3.02 -8.35
N CYS A 334 -8.64 -3.65 -9.22
CA CYS A 334 -7.27 -4.07 -8.90
C CYS A 334 -6.30 -3.01 -9.36
N VAL A 335 -5.14 -2.91 -8.74
CA VAL A 335 -4.12 -2.03 -9.28
C VAL A 335 -3.37 -2.76 -10.41
N PHE A 336 -3.17 -4.06 -10.24
CA PHE A 336 -2.52 -4.86 -11.27
C PHE A 336 -3.07 -6.28 -11.22
N SER A 337 -2.74 -7.06 -12.24
CA SER A 337 -3.12 -8.47 -12.23
C SER A 337 -2.08 -9.29 -11.50
N HIS A 338 -2.46 -9.93 -10.41
CA HIS A 338 -1.57 -10.81 -9.65
C HIS A 338 -1.06 -11.98 -10.54
N ASP A 339 -1.97 -12.62 -11.27
CA ASP A 339 -1.56 -13.73 -12.14
C ASP A 339 -0.60 -13.28 -13.24
N GLU A 340 -0.81 -12.08 -13.78
CA GLU A 340 0.11 -11.56 -14.78
C GLU A 340 1.49 -11.38 -14.16
N MET A 341 1.56 -10.91 -12.92
CA MET A 341 2.85 -10.76 -12.25
C MET A 341 3.55 -12.12 -12.06
N ILE A 342 2.79 -13.11 -11.60
CA ILE A 342 3.29 -14.46 -11.41
C ILE A 342 3.86 -15.03 -12.73
N CYS A 343 3.12 -14.86 -13.82
CA CYS A 343 3.58 -15.41 -15.10
C CYS A 343 4.80 -14.66 -15.64
N LYS A 344 4.87 -13.35 -15.39
CA LYS A 344 6.02 -12.57 -15.82
C LYS A 344 7.27 -13.11 -15.12
N MET A 345 7.15 -13.36 -13.83
CA MET A 345 8.29 -13.91 -13.08
C MET A 345 8.67 -15.32 -13.56
N ALA A 346 7.68 -16.16 -13.80
CA ALA A 346 7.94 -17.48 -14.38
C ALA A 346 8.71 -17.36 -15.70
N SER A 347 8.36 -16.38 -16.52
CA SER A 347 9.03 -16.21 -17.81
C SER A 347 10.47 -15.69 -17.63
N LYS A 348 10.84 -15.35 -16.40
CA LYS A 348 12.17 -14.84 -16.08
C LYS A 348 12.84 -15.74 -15.05
N ALA A 349 12.38 -16.99 -14.95
CA ALA A 349 12.80 -17.89 -13.89
C ALA A 349 14.33 -17.98 -13.74
N ASP A 350 15.05 -17.95 -14.86
CA ASP A 350 16.50 -18.13 -14.83
C ASP A 350 17.27 -17.01 -14.11
N VAL A 351 16.69 -15.82 -14.01
CA VAL A 351 17.37 -14.71 -13.34
C VAL A 351 16.79 -14.39 -11.97
N LEU A 352 15.76 -15.13 -11.58
CA LEU A 352 15.16 -14.93 -10.26
C LEU A 352 16.07 -15.42 -9.15
N ASP A 353 16.00 -14.74 -8.01
CA ASP A 353 16.57 -15.26 -6.77
C ASP A 353 15.96 -16.62 -6.50
N VAL A 354 16.72 -17.54 -5.89
CA VAL A 354 16.23 -18.92 -5.78
C VAL A 354 15.08 -19.09 -4.80
N VAL A 355 15.08 -18.36 -3.69
CA VAL A 355 13.98 -18.46 -2.74
C VAL A 355 12.73 -17.84 -3.36
N VAL A 356 12.92 -16.77 -4.12
CA VAL A 356 11.82 -16.19 -4.87
C VAL A 356 11.23 -17.21 -5.84
N ALA A 357 12.09 -17.85 -6.63
CA ALA A 357 11.66 -18.85 -7.61
C ALA A 357 10.84 -19.95 -6.93
N SER A 358 11.31 -20.39 -5.77
CA SER A 358 10.62 -21.41 -5.01
C SER A 358 9.22 -20.99 -4.55
N THR A 359 9.10 -19.74 -4.14
CA THR A 359 7.81 -19.23 -3.63
C THR A 359 6.83 -18.96 -4.78
N VAL A 360 7.34 -18.43 -5.88
CA VAL A 360 6.52 -18.19 -7.06
C VAL A 360 5.97 -19.52 -7.59
N GLN A 361 6.83 -20.55 -7.60
CA GLN A 361 6.40 -21.86 -8.05
C GLN A 361 5.19 -22.37 -7.26
N LYS A 362 5.22 -22.21 -5.93
CA LYS A 362 4.10 -22.65 -5.10
C LYS A 362 2.81 -21.88 -5.42
N ASP A 363 2.91 -20.56 -5.62
CA ASP A 363 1.72 -19.78 -5.98
C ASP A 363 1.22 -20.17 -7.37
N MET A 364 2.16 -20.37 -8.30
CA MET A 364 1.78 -20.74 -9.65
C MET A 364 1.06 -22.08 -9.70
N ALA A 365 1.47 -23.00 -8.84
CA ALA A 365 0.80 -24.30 -8.74
C ALA A 365 -0.67 -24.15 -8.36
N ILE A 366 -0.94 -23.28 -7.40
CA ILE A 366 -2.32 -23.01 -6.99
C ILE A 366 -3.10 -22.34 -8.14
N MET A 367 -2.47 -21.35 -8.76
CA MET A 367 -3.06 -20.65 -9.89
C MET A 367 -3.51 -21.63 -10.98
N ILE A 368 -2.61 -22.53 -11.35
CA ILE A 368 -2.88 -23.48 -12.42
C ILE A 368 -4.00 -24.42 -12.03
N GLU A 369 -3.97 -24.93 -10.81
CA GLU A 369 -5.04 -25.82 -10.37
C GLU A 369 -6.39 -25.11 -10.32
N ASP A 370 -6.44 -23.86 -9.87
CA ASP A 370 -7.71 -23.14 -9.89
C ASP A 370 -8.17 -22.90 -11.32
N GLU A 371 -7.23 -22.59 -12.21
CA GLU A 371 -7.58 -22.25 -13.58
C GLU A 371 -8.11 -23.49 -14.29
N LYS A 372 -7.50 -24.63 -14.00
CA LYS A 372 -7.96 -25.91 -14.55
C LYS A 372 -9.42 -26.18 -14.20
N ALA A 373 -9.77 -25.99 -12.92
CA ALA A 373 -11.12 -26.22 -12.44
C ALA A 373 -12.12 -25.22 -13.04
N LEU A 374 -11.70 -23.96 -13.19
CA LEU A 374 -12.59 -22.93 -13.75
C LEU A 374 -12.88 -23.21 -15.21
N ARG A 375 -11.87 -23.65 -15.96
CA ARG A 375 -12.09 -23.93 -17.38
C ARG A 375 -12.99 -25.16 -17.57
N GLU A 376 -12.81 -26.17 -16.73
CA GLU A 376 -13.70 -27.33 -16.77
C GLU A 376 -15.14 -26.91 -16.52
N THR A 377 -15.33 -26.02 -15.55
CA THR A 377 -16.67 -25.55 -15.23
C THR A 377 -17.33 -24.78 -16.37
N VAL A 378 -16.58 -23.91 -17.06
CA VAL A 378 -17.22 -23.11 -18.11
C VAL A 378 -17.48 -23.98 -19.35
N ARG A 379 -16.66 -25.00 -19.58
CA ARG A 379 -16.90 -25.94 -20.67
C ARG A 379 -18.22 -26.69 -20.43
N LYS A 380 -18.47 -27.05 -19.17
CA LYS A 380 -19.70 -27.73 -18.82
C LYS A 380 -20.91 -26.82 -18.94
N LEU A 381 -20.68 -25.52 -18.94
CA LEU A 381 -21.76 -24.55 -19.11
C LEU A 381 -22.10 -24.40 -20.60
N GLY A 382 -21.26 -24.94 -21.47
CA GLY A 382 -21.58 -24.94 -22.88
C GLY A 382 -20.75 -23.97 -23.70
N VAL A 383 -19.75 -23.36 -23.07
CA VAL A 383 -18.78 -22.56 -23.83
C VAL A 383 -17.79 -23.50 -24.48
N ILE A 384 -17.74 -23.46 -25.81
CA ILE A 384 -16.94 -24.42 -26.56
C ILE A 384 -15.83 -23.76 -27.35
N ASP A 385 -16.19 -22.71 -28.06
CA ASP A 385 -15.23 -21.97 -28.87
C ASP A 385 -14.18 -21.31 -27.97
N SER A 386 -12.94 -21.21 -28.44
CA SER A 386 -11.88 -20.58 -27.65
C SER A 386 -10.84 -19.94 -28.57
N GLU A 387 -10.08 -18.97 -28.06
CA GLU A 387 -9.01 -18.35 -28.82
C GLU A 387 -8.00 -17.73 -27.85
N ARG A 388 -6.72 -17.89 -28.16
N ARG A 388 -6.72 -17.88 -28.16
CA ARG A 388 -5.67 -17.30 -27.33
CA ARG A 388 -5.68 -17.32 -27.30
C ARG A 388 -5.79 -15.79 -27.37
C ARG A 388 -5.71 -15.80 -27.38
N MET A 389 -5.46 -15.14 -26.27
CA MET A 389 -5.52 -13.69 -26.24
C MET A 389 -4.43 -13.15 -25.33
N ASP A 390 -3.66 -12.20 -25.83
CA ASP A 390 -2.58 -11.58 -25.04
C ASP A 390 -3.13 -10.46 -24.16
N PHE A 391 -3.76 -10.85 -23.05
CA PHE A 391 -4.41 -9.90 -22.14
C PHE A 391 -3.52 -8.75 -21.70
N GLU A 392 -2.21 -9.00 -21.59
CA GLU A 392 -1.32 -7.97 -21.05
C GLU A 392 -1.18 -6.76 -21.97
N LEU A 393 -1.57 -6.90 -23.23
CA LEU A 393 -1.58 -5.79 -24.18
C LEU A 393 -2.78 -4.85 -24.05
N LEU A 394 -3.87 -5.33 -23.48
CA LEU A 394 -5.05 -4.49 -23.28
C LEU A 394 -4.83 -3.52 -22.14
N PRO A 395 -5.20 -2.25 -22.33
CA PRO A 395 -5.33 -1.32 -21.21
C PRO A 395 -6.22 -1.94 -20.12
N ASP A 396 -5.95 -1.65 -18.86
CA ASP A 396 -6.71 -2.23 -17.76
C ASP A 396 -8.21 -2.05 -17.90
N ASP A 397 -8.64 -0.87 -18.34
CA ASP A 397 -10.07 -0.59 -18.40
C ASP A 397 -10.72 -1.34 -19.54
N GLU A 398 -9.92 -2.05 -20.35
CA GLU A 398 -10.48 -2.90 -21.39
C GLU A 398 -10.41 -4.38 -21.03
N ARG A 399 -9.96 -4.72 -19.83
CA ARG A 399 -10.01 -6.12 -19.43
C ARG A 399 -10.49 -6.33 -17.99
N GLN A 400 -11.44 -5.51 -17.56
CA GLN A 400 -12.08 -5.72 -16.28
C GLN A 400 -13.38 -6.48 -16.45
N CYS A 401 -13.59 -7.48 -15.60
CA CYS A 401 -14.84 -8.23 -15.57
C CYS A 401 -16.00 -7.28 -15.36
N VAL A 402 -17.01 -7.42 -16.21
CA VAL A 402 -18.22 -6.58 -16.15
C VAL A 402 -18.86 -6.59 -14.76
N LYS A 403 -18.86 -7.76 -14.13
CA LYS A 403 -19.51 -7.99 -12.85
C LYS A 403 -18.62 -7.61 -11.67
N CYS A 404 -17.46 -8.26 -11.55
CA CYS A 404 -16.67 -8.11 -10.32
C CYS A 404 -15.47 -7.17 -10.44
N LYS A 405 -15.25 -6.64 -11.65
CA LYS A 405 -14.22 -5.65 -11.95
C LYS A 405 -12.77 -6.18 -11.84
N THR A 406 -12.58 -7.48 -11.66
CA THR A 406 -11.21 -8.01 -11.55
C THR A 406 -10.47 -7.79 -12.87
N THR A 407 -9.17 -7.60 -12.80
CA THR A 407 -8.38 -7.42 -14.02
C THR A 407 -8.08 -8.82 -14.57
N CYS A 408 -8.60 -9.12 -15.76
CA CYS A 408 -8.43 -10.46 -16.31
C CYS A 408 -7.00 -10.66 -16.87
N PHE A 409 -6.53 -11.90 -16.83
CA PHE A 409 -5.26 -12.22 -17.47
C PHE A 409 -5.22 -13.68 -17.92
N MET A 410 -5.50 -14.61 -17.00
CA MET A 410 -5.43 -16.02 -17.36
C MET A 410 -6.51 -16.34 -18.40
N SER A 411 -7.71 -15.83 -18.18
CA SER A 411 -8.83 -16.11 -19.09
C SER A 411 -10.03 -15.22 -18.88
N ALA A 412 -10.90 -15.18 -19.87
CA ALA A 412 -12.14 -14.43 -19.77
C ALA A 412 -13.11 -14.98 -20.80
N ILE A 413 -14.37 -14.56 -20.71
CA ILE A 413 -15.39 -14.90 -21.70
C ILE A 413 -15.85 -13.66 -22.44
N SER A 414 -15.97 -13.76 -23.76
CA SER A 414 -16.48 -12.67 -24.58
C SER A 414 -17.67 -13.18 -25.39
N CYS A 415 -18.47 -12.25 -25.89
CA CYS A 415 -19.54 -12.57 -26.82
C CYS A 415 -19.56 -11.52 -27.92
N SER A 416 -19.64 -11.97 -29.17
CA SER A 416 -19.67 -11.09 -30.34
C SER A 416 -20.79 -10.06 -30.22
N CYS A 417 -21.86 -10.46 -29.54
CA CYS A 417 -22.96 -9.60 -29.09
C CYS A 417 -22.60 -8.31 -28.33
N LYS A 418 -21.56 -8.34 -27.50
CA LYS A 418 -21.13 -7.17 -26.74
C LYS A 418 -19.65 -6.91 -26.95
N PRO A 419 -19.29 -6.32 -28.10
CA PRO A 419 -17.88 -6.19 -28.46
C PRO A 419 -17.06 -5.49 -27.40
N GLY A 420 -15.92 -6.06 -27.05
CA GLY A 420 -15.04 -5.42 -26.08
C GLY A 420 -15.32 -5.78 -24.63
N LEU A 421 -16.52 -6.27 -24.33
CA LEU A 421 -16.84 -6.61 -22.94
C LEU A 421 -16.35 -8.01 -22.57
N LEU A 422 -15.93 -8.15 -21.32
CA LEU A 422 -15.41 -9.40 -20.81
C LEU A 422 -15.98 -9.71 -19.43
N VAL A 423 -16.12 -10.98 -19.12
CA VAL A 423 -16.31 -11.41 -17.75
C VAL A 423 -15.24 -12.42 -17.40
N CYS A 424 -14.88 -12.49 -16.12
CA CYS A 424 -13.97 -13.52 -15.66
C CYS A 424 -14.76 -14.83 -15.61
N LEU A 425 -14.06 -15.94 -15.39
CA LEU A 425 -14.73 -17.23 -15.46
C LEU A 425 -15.66 -17.50 -14.27
N HIS A 426 -15.60 -16.65 -13.25
CA HIS A 426 -16.57 -16.75 -12.16
C HIS A 426 -17.93 -16.16 -12.53
N HIS A 427 -17.97 -15.38 -13.61
CA HIS A 427 -19.19 -14.64 -13.93
C HIS A 427 -19.66 -14.82 -15.36
N VAL A 428 -19.50 -16.04 -15.86
CA VAL A 428 -19.97 -16.39 -17.20
C VAL A 428 -21.45 -16.05 -17.43
N LYS A 429 -22.29 -16.16 -16.39
CA LYS A 429 -23.72 -15.83 -16.53
C LYS A 429 -24.02 -14.33 -16.63
N GLU A 430 -23.02 -13.48 -16.47
CA GLU A 430 -23.29 -12.05 -16.31
C GLU A 430 -22.93 -11.20 -17.51
N LEU A 431 -22.58 -11.84 -18.61
CA LEU A 431 -22.13 -11.09 -19.79
C LEU A 431 -23.29 -10.59 -20.65
N CYS A 432 -24.19 -11.50 -21.03
CA CYS A 432 -25.32 -11.15 -21.90
C CYS A 432 -26.35 -12.27 -21.91
N SER A 433 -27.43 -12.06 -22.65
CA SER A 433 -28.51 -13.04 -22.65
C SER A 433 -28.34 -14.17 -23.69
N CYS A 434 -27.30 -14.09 -24.52
CA CYS A 434 -27.06 -15.13 -25.52
C CYS A 434 -26.77 -16.48 -24.86
N PRO A 435 -27.11 -17.57 -25.55
CA PRO A 435 -26.69 -18.89 -25.05
C PRO A 435 -25.17 -19.01 -25.07
N PRO A 436 -24.61 -19.71 -24.08
CA PRO A 436 -23.16 -19.92 -23.94
C PRO A 436 -22.45 -20.47 -25.18
N TYR A 437 -23.15 -21.13 -26.11
CA TYR A 437 -22.44 -21.63 -27.30
C TYR A 437 -22.00 -20.49 -28.21
N LYS A 438 -22.58 -19.31 -28.01
CA LYS A 438 -22.14 -18.12 -28.76
C LYS A 438 -20.87 -17.48 -28.17
N TYR A 439 -20.45 -17.94 -27.00
CA TYR A 439 -19.34 -17.33 -26.26
C TYR A 439 -18.00 -17.86 -26.72
N LYS A 440 -16.93 -17.11 -26.45
CA LYS A 440 -15.59 -17.60 -26.67
C LYS A 440 -14.84 -17.57 -25.35
N LEU A 441 -14.14 -18.66 -25.01
CA LEU A 441 -13.13 -18.60 -23.99
C LEU A 441 -11.84 -17.96 -24.54
N ARG A 442 -11.51 -16.78 -24.02
CA ARG A 442 -10.22 -16.15 -24.35
CA ARG A 442 -10.24 -16.12 -24.33
C ARG A 442 -9.22 -16.50 -23.26
N TYR A 443 -8.09 -17.06 -23.65
CA TYR A 443 -7.12 -17.53 -22.64
C TYR A 443 -5.71 -17.07 -22.98
N ARG A 444 -4.90 -16.79 -21.97
CA ARG A 444 -3.54 -16.37 -22.23
C ARG A 444 -2.64 -17.57 -22.58
N TYR A 445 -2.83 -18.65 -21.84
CA TYR A 445 -2.00 -19.86 -21.96
C TYR A 445 -2.85 -21.11 -21.96
N THR A 446 -2.44 -22.14 -22.68
CA THR A 446 -3.05 -23.45 -22.46
C THR A 446 -2.43 -24.01 -21.20
N LEU A 447 -3.12 -24.96 -20.56
CA LEU A 447 -2.52 -25.69 -19.43
C LEU A 447 -1.17 -26.29 -19.82
N ASP A 448 -1.05 -26.77 -21.06
CA ASP A 448 0.21 -27.32 -21.51
C ASP A 448 1.32 -26.28 -21.71
N ASP A 449 0.98 -25.00 -21.87
CA ASP A 449 2.00 -23.94 -21.86
C ASP A 449 2.45 -23.72 -20.42
N LEU A 450 1.50 -23.85 -19.50
CA LEU A 450 1.73 -23.44 -18.12
C LEU A 450 2.65 -24.38 -17.35
N TYR A 451 2.51 -25.68 -17.55
CA TYR A 451 3.33 -26.62 -16.78
C TYR A 451 4.85 -26.49 -17.04
N PRO A 452 5.29 -26.25 -18.30
CA PRO A 452 6.73 -26.01 -18.46
C PRO A 452 7.22 -24.71 -17.81
N MET A 453 6.35 -23.71 -17.72
CA MET A 453 6.71 -22.44 -17.08
C MET A 453 6.98 -22.70 -15.60
N MET A 454 6.10 -23.46 -14.98
CA MET A 454 6.29 -23.80 -13.59
C MET A 454 7.54 -24.68 -13.39
N ASN A 455 7.84 -25.52 -14.36
N ASN A 455 7.84 -25.51 -14.38
CA ASN A 455 9.02 -26.39 -14.28
CA ASN A 455 9.01 -26.38 -14.28
C ASN A 455 10.34 -25.60 -14.31
C ASN A 455 10.32 -25.61 -14.33
N ALA A 456 10.35 -24.50 -15.05
CA ALA A 456 11.54 -23.64 -15.10
C ALA A 456 11.84 -23.10 -13.71
N LEU A 457 10.80 -22.69 -12.99
CA LEU A 457 10.93 -22.20 -11.63
C LEU A 457 11.48 -23.29 -10.71
N LYS A 458 10.97 -24.49 -10.88
CA LYS A 458 11.44 -25.63 -10.08
C LYS A 458 12.93 -25.89 -10.30
N LEU A 459 13.36 -25.89 -11.56
CA LEU A 459 14.78 -26.03 -11.90
C LEU A 459 15.64 -24.94 -11.29
N ARG A 460 15.19 -23.69 -11.37
CA ARG A 460 15.90 -22.58 -10.76
C ARG A 460 15.94 -22.75 -9.24
N ALA A 461 14.82 -23.14 -8.64
CA ALA A 461 14.75 -23.35 -7.20
C ALA A 461 15.58 -24.57 -6.78
N GLU A 462 15.76 -25.50 -7.73
CA GLU A 462 16.52 -26.73 -7.54
C GLU A 462 15.84 -27.60 -6.49
ZN ZN B . -15.82 -11.52 -12.47
ZN ZN C . -24.21 -12.08 -26.36
MN MN D . -0.38 3.46 4.57
MN MN E . -21.12 -12.15 -7.17
N1 EPE F . -12.70 -1.56 2.11
C2 EPE F . -13.40 -0.52 1.33
C3 EPE F . -14.26 0.39 2.23
N4 EPE F . -13.55 0.82 3.42
C5 EPE F . -12.74 -0.16 4.12
C6 EPE F . -11.85 -0.91 3.13
C7 EPE F . -14.06 1.95 4.18
C8 EPE F . -12.93 2.79 4.82
O8 EPE F . -12.46 2.19 6.01
C9 EPE F . -11.80 -2.33 1.22
C10 EPE F . -11.29 -3.59 1.92
S EPE F . -10.04 -4.39 0.86
O1S EPE F . -9.47 -5.58 1.48
O2S EPE F . -8.99 -3.44 0.55
O3S EPE F . -10.75 -4.81 -0.35
C1 EDO G . -8.57 -13.94 -14.43
O1 EDO G . -8.51 -13.76 -15.86
C2 EDO G . -7.39 -14.73 -13.86
O2 EDO G . -6.10 -14.09 -14.06
C1 EDO H . 4.25 17.00 -1.32
O1 EDO H . 4.16 16.21 -0.11
C2 EDO H . 5.27 16.35 -2.25
O2 EDO H . 5.17 16.96 -3.54
C1 EDO I . -8.98 -24.16 -23.74
O1 EDO I . -8.30 -24.06 -22.49
C2 EDO I . -7.96 -23.93 -24.84
O2 EDO I . -6.75 -24.62 -24.47
C1 EDO J . -7.47 -17.12 -10.84
O1 EDO J . -6.07 -16.97 -10.59
C2 EDO J . -7.71 -18.59 -11.17
O2 EDO J . -6.50 -19.07 -11.78
C1 EDO K . -4.89 -2.77 22.47
O1 EDO K . -5.54 -3.10 23.70
C2 EDO K . -3.89 -3.86 22.11
O2 EDO K . -4.01 -4.99 22.99
C1 EDO L . -14.34 -5.45 -20.36
O1 EDO L . -15.55 -5.66 -19.62
C2 EDO L . -13.94 -3.98 -20.43
O2 EDO L . -13.14 -3.63 -19.28
C1 EDO M . -3.78 -11.04 7.17
O1 EDO M . -3.82 -11.71 8.45
C2 EDO M . -4.57 -11.84 6.14
O2 EDO M . -5.97 -11.64 6.35
C1 EDO N . -13.72 -23.78 -24.05
O1 EDO N . -14.52 -24.20 -22.94
C2 EDO N . -12.86 -24.95 -24.52
O2 EDO N . -13.67 -25.80 -25.36
C1 EDO O . -1.54 13.69 6.15
O1 EDO O . -0.43 14.58 6.37
C2 EDO O . -1.21 12.64 5.08
O2 EDO O . -0.24 11.69 5.57
C1 EDO P . -19.95 -6.07 20.78
O1 EDO P . -20.42 -4.72 20.67
C2 EDO P . -19.25 -6.47 19.49
O2 EDO P . -18.03 -5.76 19.34
C1 EDO Q . 2.88 4.35 1.18
O1 EDO Q . 2.23 5.58 1.55
C2 EDO Q . 2.38 3.95 -0.21
O2 EDO Q . 2.50 5.08 -1.07
C1 EDO R . -4.31 25.79 -4.14
O1 EDO R . -4.64 26.56 -2.98
C2 EDO R . -3.83 26.73 -5.24
O2 EDO R . -3.34 25.97 -6.35
C1 EDO S . 19.80 3.32 19.20
O1 EDO S . 18.60 4.07 18.98
C2 EDO S . 20.13 2.44 18.00
O2 EDO S . 20.41 3.29 16.88
C1 EDO T . 12.17 -19.85 8.40
O1 EDO T . 11.45 -19.39 9.54
C2 EDO T . 13.33 -18.89 8.12
O2 EDO T . 14.02 -18.59 9.35
C1 2HG U . 2.32 4.73 5.15
O1 2HG U . 3.52 4.97 5.15
C2 2HG U . 1.31 5.81 5.50
O2 2HG U . 1.81 3.55 4.87
C3 2HG U . 1.60 7.06 4.69
O3 2HG U . -0.02 5.36 5.28
C4 2HG U . 0.77 8.27 5.14
O4 2HG U . -1.04 9.47 4.14
C5 2HG U . -0.57 8.40 4.45
O5 2HG U . -1.17 7.25 4.22
CL CL V . -14.73 18.46 14.86
#